data_3QDF
#
_entry.id   3QDF
#
_cell.length_a   47.700
_cell.length_b   104.930
_cell.length_c   136.970
_cell.angle_alpha   90.000
_cell.angle_beta   90.000
_cell.angle_gamma   90.000
#
_symmetry.space_group_name_H-M   'I 21 21 21'
#
loop_
_entity.id
_entity.type
_entity.pdbx_description
1 polymer '2-hydroxyhepta-2,4-diene-1,7-dioate isomerase'
2 non-polymer 'ZINC ION'
3 non-polymer 1,2-ETHANEDIOL
4 water water
#
_entity_poly.entity_id   1
_entity_poly.type   'polypeptide(L)'
_entity_poly.pdbx_seq_one_letter_code
;GPGSMRLGRIASPDGVAFASIEGELDNPGAMTAREIAEHPFGTPNFTGRSWPLADVRLLAPILASKVVCVGKNYTDHIAE
MGGQTGPTPADPVIFLKPNTAIVGPNVPIRLPANASPVHFEGELAIVIGRPCKDVSAAQAVDNILGYTIGNDVSARDQQK
SDGQWTRAKGHDTFCPVGPWIVTDVDPADLELRTEVNGAVKQHARTSLMIHDVGAIVEWISAVMTLLPGDLILTGTPAGV
GPIEDGDTVSITIEGIGTLTNPVVRKGK
;
_entity_poly.pdbx_strand_id   A
#
loop_
_chem_comp.id
_chem_comp.type
_chem_comp.name
_chem_comp.formula
EDO non-polymer 1,2-ETHANEDIOL 'C2 H6 O2'
ZN non-polymer 'ZINC ION' 'Zn 2'
#
# COMPACT_ATOMS: atom_id res chain seq x y z
N SER A 4 -6.80 -17.38 -4.00
CA SER A 4 -6.85 -16.61 -5.26
C SER A 4 -7.86 -15.44 -5.18
N MET A 5 -7.53 -14.40 -4.41
CA MET A 5 -8.53 -13.36 -4.08
C MET A 5 -8.03 -11.90 -3.96
N ARG A 6 -8.97 -10.98 -3.96
CA ARG A 6 -8.70 -9.60 -3.59
C ARG A 6 -9.27 -9.40 -2.21
N LEU A 7 -8.40 -9.27 -1.21
CA LEU A 7 -8.82 -9.04 0.16
C LEU A 7 -8.87 -7.56 0.44
N GLY A 8 -10.04 -7.07 0.84
CA GLY A 8 -10.20 -5.67 1.25
C GLY A 8 -10.96 -5.52 2.56
N ARG A 9 -11.14 -4.27 2.98
CA ARG A 9 -11.94 -3.97 4.14
C ARG A 9 -13.02 -2.97 3.74
N ILE A 10 -14.21 -3.16 4.32
CA ILE A 10 -15.36 -2.38 3.92
C ILE A 10 -16.16 -1.90 5.14
N ALA A 11 -16.78 -0.73 4.99
CA ALA A 11 -17.81 -0.27 5.90
C ALA A 11 -19.12 -0.43 5.13
N SER A 12 -19.96 -1.34 5.61
CA SER A 12 -21.23 -1.69 4.97
C SER A 12 -22.36 -1.26 5.91
N PRO A 13 -23.62 -1.60 5.56
CA PRO A 13 -24.71 -1.45 6.53
C PRO A 13 -24.46 -2.21 7.85
N ASP A 14 -24.04 -3.47 7.79
CA ASP A 14 -23.77 -4.28 8.99
CA ASP A 14 -23.79 -4.24 9.01
C ASP A 14 -22.40 -4.02 9.63
N GLY A 15 -21.75 -2.90 9.26
CA GLY A 15 -20.51 -2.48 9.91
C GLY A 15 -19.21 -2.64 9.11
N VAL A 16 -18.11 -2.76 9.84
CA VAL A 16 -16.76 -2.85 9.28
C VAL A 16 -16.33 -4.32 9.23
N ALA A 17 -15.92 -4.79 8.05
CA ALA A 17 -15.51 -6.18 7.85
C ALA A 17 -14.46 -6.34 6.74
N PHE A 18 -13.69 -7.43 6.81
CA PHE A 18 -12.92 -7.90 5.68
C PHE A 18 -13.89 -8.41 4.63
N ALA A 19 -13.46 -8.37 3.37
CA ALA A 19 -14.28 -8.84 2.27
C ALA A 19 -13.45 -9.37 1.12
N SER A 20 -13.97 -10.38 0.44
CA SER A 20 -13.43 -10.75 -0.87
C SER A 20 -14.09 -9.89 -1.92
N ILE A 21 -13.28 -9.12 -2.64
CA ILE A 21 -13.77 -8.18 -3.65
C ILE A 21 -13.69 -8.86 -5.02
N GLU A 22 -14.86 -9.22 -5.56
CA GLU A 22 -14.94 -10.08 -6.74
C GLU A 22 -15.38 -9.30 -7.97
N GLY A 23 -14.92 -9.74 -9.15
CA GLY A 23 -15.37 -9.14 -10.41
C GLY A 23 -14.23 -8.67 -11.30
N GLU A 24 -14.58 -8.24 -12.51
CA GLU A 24 -13.63 -7.68 -13.47
C GLU A 24 -13.03 -6.38 -12.95
N LEU A 25 -11.71 -6.31 -12.96
CA LEU A 25 -10.96 -5.13 -12.51
C LEU A 25 -11.39 -3.80 -13.19
N ASP A 26 -11.80 -3.88 -14.45
CA ASP A 26 -12.13 -2.65 -15.19
C ASP A 26 -13.58 -2.16 -14.94
N ASN A 27 -14.29 -2.79 -14.01
CA ASN A 27 -15.61 -2.33 -13.59
C ASN A 27 -15.76 -2.34 -12.08
N PRO A 28 -15.00 -1.47 -11.37
CA PRO A 28 -15.03 -1.53 -9.90
C PRO A 28 -16.44 -1.33 -9.32
N GLY A 29 -17.29 -0.53 -9.96
CA GLY A 29 -18.68 -0.29 -9.50
C GLY A 29 -19.51 -1.56 -9.33
N ALA A 30 -19.47 -2.41 -10.35
CA ALA A 30 -20.21 -3.68 -10.38
C ALA A 30 -19.51 -4.85 -9.67
N MET A 31 -18.41 -4.58 -8.97
CA MET A 31 -17.73 -5.59 -8.20
C MET A 31 -18.57 -5.97 -6.98
N THR A 32 -18.42 -7.20 -6.52
CA THR A 32 -19.18 -7.69 -5.36
C THR A 32 -18.23 -7.76 -4.17
N ALA A 33 -18.62 -7.14 -3.05
CA ALA A 33 -17.92 -7.27 -1.78
C ALA A 33 -18.52 -8.43 -0.98
N ARG A 34 -17.85 -9.58 -0.99
CA ARG A 34 -18.32 -10.77 -0.28
CA ARG A 34 -18.32 -10.78 -0.28
C ARG A 34 -17.76 -10.80 1.15
N GLU A 35 -18.63 -10.53 2.11
CA GLU A 35 -18.23 -10.38 3.51
C GLU A 35 -17.53 -11.61 4.10
N ILE A 36 -16.37 -11.40 4.68
CA ILE A 36 -15.61 -12.45 5.34
C ILE A 36 -16.01 -12.50 6.81
N ALA A 37 -16.19 -13.72 7.32
CA ALA A 37 -16.51 -13.92 8.72
C ALA A 37 -15.22 -14.11 9.50
N GLU A 38 -14.48 -15.17 9.20
CA GLU A 38 -13.27 -15.48 9.97
C GLU A 38 -12.05 -15.80 9.09
N HIS A 39 -10.88 -15.77 9.73
CA HIS A 39 -9.60 -16.16 9.13
C HIS A 39 -9.16 -15.39 7.86
N PRO A 40 -9.14 -14.04 7.93
CA PRO A 40 -8.73 -13.32 6.71
C PRO A 40 -7.29 -13.61 6.25
N PHE A 41 -6.42 -14.01 7.17
CA PHE A 41 -5.04 -14.37 6.84
C PHE A 41 -4.79 -15.86 6.60
N GLY A 42 -5.80 -16.69 6.84
CA GLY A 42 -5.69 -18.13 6.65
C GLY A 42 -6.56 -18.56 5.48
N THR A 43 -7.51 -19.46 5.74
CA THR A 43 -8.49 -19.81 4.73
C THR A 43 -9.75 -19.07 5.13
N PRO A 44 -10.05 -17.97 4.44
CA PRO A 44 -11.21 -17.19 4.91
C PRO A 44 -12.49 -17.97 4.68
N ASN A 45 -13.44 -17.83 5.61
CA ASN A 45 -14.80 -18.26 5.41
C ASN A 45 -15.70 -17.02 5.38
N PHE A 46 -16.94 -17.19 4.94
CA PHE A 46 -17.79 -16.04 4.58
C PHE A 46 -19.09 -16.04 5.38
N THR A 47 -19.64 -14.85 5.61
CA THR A 47 -20.85 -14.72 6.42
C THR A 47 -22.09 -15.11 5.63
N GLY A 48 -22.02 -15.00 4.30
CA GLY A 48 -23.20 -15.14 3.45
C GLY A 48 -23.66 -13.80 2.90
N ARG A 49 -23.24 -12.70 3.53
CA ARG A 49 -23.65 -11.39 3.03
C ARG A 49 -22.71 -10.91 1.92
N SER A 50 -23.28 -10.22 0.95
CA SER A 50 -22.47 -9.47 -0.01
C SER A 50 -23.21 -8.22 -0.50
N TRP A 51 -22.47 -7.24 -1.01
CA TRP A 51 -23.02 -5.99 -1.55
C TRP A 51 -22.27 -5.63 -2.81
N PRO A 52 -22.96 -4.95 -3.77
CA PRO A 52 -22.18 -4.32 -4.81
C PRO A 52 -21.18 -3.36 -4.14
N LEU A 53 -19.98 -3.29 -4.67
CA LEU A 53 -18.95 -2.45 -4.06
C LEU A 53 -19.38 -0.97 -4.01
N ALA A 54 -20.10 -0.51 -5.02
CA ALA A 54 -20.62 0.86 -5.08
C ALA A 54 -21.47 1.22 -3.86
N ASP A 55 -22.02 0.20 -3.20
CA ASP A 55 -22.92 0.39 -2.08
C ASP A 55 -22.22 0.49 -0.73
N VAL A 56 -20.91 0.22 -0.71
CA VAL A 56 -20.17 0.21 0.56
C VAL A 56 -18.95 1.14 0.49
N ARG A 57 -18.37 1.47 1.66
CA ARG A 57 -17.15 2.27 1.69
CA ARG A 57 -17.16 2.28 1.72
C ARG A 57 -15.94 1.35 1.73
N LEU A 58 -15.08 1.46 0.72
CA LEU A 58 -13.84 0.72 0.66
C LEU A 58 -12.77 1.39 1.52
N LEU A 59 -12.18 0.63 2.45
CA LEU A 59 -11.25 1.18 3.45
C LEU A 59 -9.83 0.74 3.13
N ALA A 60 -8.85 1.20 3.91
CA ALA A 60 -7.49 0.63 3.83
C ALA A 60 -7.64 -0.87 4.08
N PRO A 61 -6.95 -1.70 3.27
CA PRO A 61 -7.27 -3.14 3.25
C PRO A 61 -6.71 -3.90 4.46
N ILE A 62 -5.92 -3.21 5.29
CA ILE A 62 -5.31 -3.84 6.43
C ILE A 62 -5.09 -2.88 7.60
N LEU A 63 -5.10 -3.42 8.81
CA LEU A 63 -4.73 -2.65 10.02
C LEU A 63 -3.33 -3.08 10.43
N ALA A 64 -2.32 -2.44 9.85
CA ALA A 64 -0.94 -2.90 10.07
C ALA A 64 -0.41 -2.43 11.43
N SER A 65 0.35 -3.28 12.11
CA SER A 65 1.01 -2.84 13.34
C SER A 65 2.17 -1.90 13.02
N LYS A 66 2.77 -2.09 11.85
CA LYS A 66 3.87 -1.23 11.43
C LYS A 66 3.98 -1.28 9.94
N VAL A 67 4.60 -0.25 9.39
CA VAL A 67 4.87 -0.16 7.97
C VAL A 67 6.37 -0.08 7.81
N VAL A 68 6.99 -1.13 7.27
CA VAL A 68 8.46 -1.13 7.10
C VAL A 68 8.68 -0.80 5.64
N CYS A 69 9.67 0.04 5.36
CA CYS A 69 9.86 0.58 4.03
C CYS A 69 11.30 0.49 3.57
N VAL A 70 11.46 0.41 2.25
CA VAL A 70 12.77 0.30 1.66
C VAL A 70 13.09 1.62 0.95
N GLY A 71 14.30 2.14 1.16
CA GLY A 71 14.78 3.32 0.43
C GLY A 71 15.03 3.07 -1.06
N LYS A 72 16.13 3.63 -1.56
CA LYS A 72 16.59 3.44 -2.91
C LYS A 72 16.56 1.99 -3.39
N ASN A 73 15.55 1.62 -4.20
CA ASN A 73 15.42 0.22 -4.67
C ASN A 73 15.14 0.03 -6.17
N TYR A 74 15.35 1.05 -6.99
CA TYR A 74 15.18 0.84 -8.45
C TYR A 74 16.45 1.11 -9.26
N THR A 75 16.69 0.30 -10.31
CA THR A 75 17.93 0.34 -11.12
C THR A 75 18.10 1.64 -11.91
N PRO A 89 25.66 -4.53 -5.47
CA PRO A 89 24.52 -3.72 -5.00
C PRO A 89 24.59 -3.45 -3.48
N ALA A 90 24.43 -2.20 -3.06
CA ALA A 90 24.35 -1.85 -1.63
C ALA A 90 23.26 -2.67 -0.89
N ASP A 91 23.48 -2.91 0.40
CA ASP A 91 22.46 -3.49 1.27
C ASP A 91 21.19 -2.61 1.36
N PRO A 92 20.00 -3.23 1.55
CA PRO A 92 18.78 -2.42 1.68
C PRO A 92 18.87 -1.41 2.84
N VAL A 93 18.32 -0.22 2.62
CA VAL A 93 18.19 0.78 3.66
C VAL A 93 16.72 0.79 4.03
N ILE A 94 16.43 0.48 5.29
CA ILE A 94 15.05 0.39 5.74
C ILE A 94 14.71 1.52 6.70
N PHE A 95 13.42 1.83 6.80
CA PHE A 95 12.90 2.82 7.73
C PHE A 95 11.46 2.47 8.06
N LEU A 96 10.85 3.18 8.99
CA LEU A 96 9.49 2.90 9.42
C LEU A 96 8.59 4.12 9.18
N LYS A 97 7.35 3.81 8.84
CA LYS A 97 6.27 4.76 8.91
C LYS A 97 5.31 4.25 10.00
N PRO A 98 4.75 5.18 10.82
CA PRO A 98 3.83 4.78 11.90
C PRO A 98 2.49 4.39 11.28
N ASN A 99 1.78 3.43 11.87
CA ASN A 99 0.50 3.06 11.29
C ASN A 99 -0.55 4.20 11.32
N THR A 100 -0.31 5.23 12.13
CA THR A 100 -1.15 6.43 12.11
C THR A 100 -1.03 7.21 10.80
N ALA A 101 -0.06 6.84 9.94
CA ALA A 101 0.06 7.50 8.63
C ALA A 101 -0.87 6.91 7.58
N ILE A 102 -1.42 5.73 7.85
CA ILE A 102 -2.16 4.98 6.84
C ILE A 102 -3.51 5.65 6.58
N VAL A 103 -3.84 5.78 5.29
CA VAL A 103 -5.26 6.01 4.94
C VAL A 103 -5.60 5.07 3.80
N GLY A 104 -6.90 4.85 3.59
CA GLY A 104 -7.36 4.01 2.51
C GLY A 104 -7.57 4.77 1.21
N PRO A 105 -8.10 4.07 0.19
CA PRO A 105 -8.42 4.67 -1.08
C PRO A 105 -9.36 5.85 -0.93
N ASN A 106 -9.10 6.90 -1.71
CA ASN A 106 -9.97 8.09 -1.81
C ASN A 106 -9.95 9.01 -0.60
N VAL A 107 -9.11 8.72 0.39
CA VAL A 107 -9.00 9.57 1.57
C VAL A 107 -7.94 10.64 1.27
N PRO A 108 -8.23 11.93 1.61
CA PRO A 108 -7.25 12.98 1.29
C PRO A 108 -5.89 12.82 2.01
N ILE A 109 -4.80 13.09 1.28
CA ILE A 109 -3.48 13.30 1.86
C ILE A 109 -3.51 14.74 2.27
N ARG A 110 -3.20 15.02 3.53
CA ARG A 110 -3.23 16.40 4.06
C ARG A 110 -1.79 16.86 4.29
N LEU A 111 -1.37 17.84 3.50
CA LEU A 111 -0.04 18.41 3.56
C LEU A 111 0.02 19.40 4.72
N PRO A 112 1.05 19.30 5.58
CA PRO A 112 1.23 20.34 6.60
C PRO A 112 1.38 21.69 5.91
N ALA A 113 0.80 22.73 6.51
CA ALA A 113 0.89 24.07 5.93
C ALA A 113 2.35 24.39 5.62
N ASN A 114 3.26 24.01 6.51
CA ASN A 114 4.69 24.37 6.38
C ASN A 114 5.60 23.49 5.49
N ALA A 115 5.09 22.40 4.93
CA ALA A 115 5.95 21.44 4.21
C ALA A 115 5.97 21.58 2.67
N SER A 116 7.16 21.76 2.12
CA SER A 116 7.33 21.88 0.67
C SER A 116 8.79 21.62 0.30
N PRO A 117 9.04 20.84 -0.77
CA PRO A 117 8.05 20.08 -1.54
C PRO A 117 7.66 18.74 -0.86
N VAL A 118 6.37 18.42 -0.87
CA VAL A 118 5.90 17.09 -0.49
C VAL A 118 5.74 16.22 -1.74
N HIS A 119 6.38 15.05 -1.74
CA HIS A 119 6.37 14.13 -2.88
C HIS A 119 5.47 12.92 -2.65
N PHE A 120 4.84 12.47 -3.73
CA PHE A 120 4.26 11.14 -3.80
C PHE A 120 5.39 10.15 -4.07
N GLU A 121 5.17 8.88 -3.75
CA GLU A 121 6.06 7.81 -4.19
C GLU A 121 5.20 6.57 -4.32
N GLY A 122 4.93 6.16 -5.56
CA GLY A 122 4.16 4.94 -5.84
C GLY A 122 5.02 3.73 -5.59
N GLU A 123 4.49 2.75 -4.83
CA GLU A 123 5.26 1.57 -4.46
C GLU A 123 4.41 0.30 -4.38
N LEU A 124 5.00 -0.80 -4.82
CA LEU A 124 4.44 -2.12 -4.54
C LEU A 124 4.52 -2.38 -3.03
N ALA A 125 3.41 -2.82 -2.45
CA ALA A 125 3.40 -3.14 -1.04
C ALA A 125 3.20 -4.63 -0.81
N ILE A 126 3.97 -5.17 0.14
CA ILE A 126 3.84 -6.53 0.61
C ILE A 126 2.98 -6.52 1.86
N VAL A 127 2.01 -7.44 1.94
CA VAL A 127 1.30 -7.66 3.21
C VAL A 127 1.68 -9.03 3.76
N ILE A 128 2.19 -9.02 4.99
CA ILE A 128 2.63 -10.21 5.70
C ILE A 128 1.39 -10.93 6.22
N GLY A 129 1.38 -12.25 6.06
CA GLY A 129 0.21 -13.04 6.38
C GLY A 129 0.27 -13.86 7.64
N ARG A 130 1.47 -13.97 8.23
CA ARG A 130 1.62 -14.70 9.49
C ARG A 130 2.84 -14.26 10.27
N PRO A 131 2.89 -14.55 11.58
CA PRO A 131 4.05 -14.10 12.36
C PRO A 131 5.30 -14.73 11.79
N CYS A 132 6.36 -13.95 11.61
CA CYS A 132 7.61 -14.54 11.11
C CYS A 132 8.84 -13.73 11.47
N LYS A 133 9.99 -14.39 11.41
CA LYS A 133 11.24 -13.86 11.88
C LYS A 133 12.28 -14.75 11.21
N ASP A 134 13.38 -14.16 10.76
CA ASP A 134 14.52 -14.88 10.19
C ASP A 134 14.11 -15.77 9.00
N VAL A 135 13.26 -15.23 8.14
CA VAL A 135 12.80 -15.95 6.97
C VAL A 135 13.83 -15.84 5.84
N SER A 136 14.15 -16.95 5.18
CA SER A 136 15.00 -16.86 3.99
C SER A 136 14.20 -16.24 2.83
N ALA A 137 14.90 -15.69 1.86
CA ALA A 137 14.26 -15.06 0.69
C ALA A 137 13.34 -16.04 -0.03
N ALA A 138 13.80 -17.29 -0.18
CA ALA A 138 12.98 -18.34 -0.82
C ALA A 138 11.74 -18.71 -0.01
N GLN A 139 11.78 -18.54 1.31
CA GLN A 139 10.60 -18.81 2.12
C GLN A 139 9.61 -17.63 2.20
N ALA A 140 9.98 -16.47 1.66
CA ALA A 140 9.13 -15.29 1.81
C ALA A 140 7.70 -15.54 1.33
N VAL A 141 7.58 -16.18 0.18
CA VAL A 141 6.29 -16.56 -0.40
C VAL A 141 5.33 -17.25 0.60
N ASP A 142 5.84 -18.10 1.50
CA ASP A 142 4.97 -18.78 2.48
C ASP A 142 4.54 -17.85 3.60
N ASN A 143 5.06 -16.63 3.66
CA ASN A 143 4.71 -15.72 4.77
C ASN A 143 3.96 -14.47 4.30
N ILE A 144 3.67 -14.41 3.01
CA ILE A 144 3.10 -13.24 2.36
C ILE A 144 1.63 -13.52 2.05
N LEU A 145 0.76 -12.71 2.65
CA LEU A 145 -0.66 -12.74 2.34
C LEU A 145 -0.89 -12.36 0.89
N GLY A 146 -0.31 -11.24 0.46
CA GLY A 146 -0.40 -10.81 -0.94
C GLY A 146 0.14 -9.41 -1.13
N TYR A 147 -0.31 -8.76 -2.20
CA TYR A 147 0.29 -7.50 -2.61
C TYR A 147 -0.75 -6.42 -2.76
N THR A 148 -0.36 -5.21 -2.43
CA THR A 148 -1.22 -4.06 -2.60
C THR A 148 -0.38 -2.89 -3.02
N ILE A 149 -0.96 -1.69 -2.94
CA ILE A 149 -0.25 -0.48 -3.40
C ILE A 149 -0.06 0.44 -2.24
N GLY A 150 1.10 1.07 -2.17
CA GLY A 150 1.35 2.11 -1.21
C GLY A 150 1.80 3.40 -1.87
N ASN A 151 1.50 4.52 -1.21
CA ASN A 151 2.02 5.82 -1.58
C ASN A 151 2.88 6.33 -0.43
N ASP A 152 4.21 6.25 -0.60
CA ASP A 152 5.15 6.68 0.43
C ASP A 152 5.30 8.21 0.45
N VAL A 153 4.29 8.90 0.96
CA VAL A 153 4.30 10.37 0.92
C VAL A 153 5.44 10.92 1.79
N SER A 154 6.19 11.89 1.25
CA SER A 154 7.46 12.32 1.83
C SER A 154 7.66 13.83 1.74
N ALA A 155 7.81 14.48 2.89
CA ALA A 155 8.20 15.89 2.97
C ALA A 155 9.72 16.00 2.77
N ARG A 156 10.13 16.38 1.55
CA ARG A 156 11.56 16.43 1.18
C ARG A 156 12.41 17.44 1.95
N ASP A 157 11.84 18.61 2.27
CA ASP A 157 12.54 19.62 3.08
C ASP A 157 12.93 19.06 4.47
N GLN A 158 11.99 18.32 5.06
CA GLN A 158 12.17 17.72 6.37
C GLN A 158 13.14 16.55 6.36
N GLN A 159 13.20 15.82 5.24
CA GLN A 159 14.19 14.75 5.06
C GLN A 159 15.61 15.31 5.11
N LYS A 160 15.83 16.37 4.34
CA LYS A 160 17.13 16.99 4.23
C LYS A 160 17.47 17.63 5.58
N SER A 161 16.48 18.27 6.19
CA SER A 161 16.65 18.98 7.44
C SER A 161 16.99 18.03 8.62
N ASP A 162 16.25 16.92 8.75
CA ASP A 162 16.46 15.94 9.83
C ASP A 162 17.61 14.92 9.63
N GLY A 163 17.99 14.66 8.37
CA GLY A 163 18.82 13.46 8.05
C GLY A 163 18.05 12.14 8.14
N GLN A 164 17.56 11.82 9.34
CA GLN A 164 16.61 10.72 9.51
C GLN A 164 15.33 11.03 8.72
N TRP A 165 14.73 10.00 8.15
CA TRP A 165 13.60 10.17 7.26
C TRP A 165 12.27 10.06 8.00
N THR A 166 12.31 9.71 9.28
CA THR A 166 11.08 9.42 10.04
C THR A 166 10.03 10.52 9.97
N ARG A 167 10.40 11.73 10.36
CA ARG A 167 9.41 12.81 10.38
C ARG A 167 8.85 13.10 8.97
N ALA A 168 9.73 13.26 8.00
CA ALA A 168 9.34 13.54 6.61
C ALA A 168 8.31 12.55 6.10
N LYS A 169 8.44 11.29 6.50
CA LYS A 169 7.58 10.24 5.97
C LYS A 169 6.44 9.79 6.90
N GLY A 170 6.32 10.44 8.06
CA GLY A 170 5.51 9.90 9.17
C GLY A 170 4.26 10.68 9.53
N HIS A 171 3.96 11.75 8.76
CA HIS A 171 2.78 12.58 9.04
C HIS A 171 1.50 11.77 8.86
N ASP A 172 0.45 12.11 9.62
CA ASP A 172 -0.84 11.48 9.38
C ASP A 172 -1.20 11.63 7.90
N THR A 173 -1.74 10.56 7.30
CA THR A 173 -2.18 10.52 5.88
C THR A 173 -1.07 10.28 4.85
N PHE A 174 0.17 10.15 5.31
CA PHE A 174 1.29 10.02 4.41
C PHE A 174 1.54 8.58 4.00
N CYS A 175 0.63 7.68 4.36
CA CYS A 175 0.75 6.30 3.88
C CYS A 175 -0.59 5.75 3.30
N PRO A 176 -1.08 6.36 2.20
CA PRO A 176 -2.20 5.73 1.52
C PRO A 176 -1.87 4.27 1.18
N VAL A 177 -2.85 3.38 1.33
CA VAL A 177 -2.63 1.95 1.00
C VAL A 177 -3.93 1.42 0.45
N GLY A 178 -3.85 0.56 -0.55
CA GLY A 178 -5.03 -0.07 -1.14
C GLY A 178 -4.82 -0.25 -2.63
N PRO A 179 -5.91 -0.50 -3.38
CA PRO A 179 -7.29 -0.56 -2.95
C PRO A 179 -7.67 -1.87 -2.22
N TRP A 180 -6.85 -2.90 -2.38
CA TRP A 180 -7.10 -4.24 -1.82
C TRP A 180 -5.82 -5.03 -1.97
N ILE A 181 -5.80 -6.22 -1.40
CA ILE A 181 -4.62 -7.06 -1.38
C ILE A 181 -4.86 -8.26 -2.29
N VAL A 182 -3.98 -8.46 -3.27
CA VAL A 182 -4.18 -9.57 -4.20
C VAL A 182 -3.29 -10.71 -3.77
N THR A 183 -3.90 -11.87 -3.54
CA THR A 183 -3.18 -12.98 -2.93
C THR A 183 -2.41 -13.86 -3.92
N ASP A 184 -2.75 -13.80 -5.20
CA ASP A 184 -2.16 -14.77 -6.11
C ASP A 184 -1.21 -14.17 -7.13
N VAL A 185 -0.91 -12.88 -7.01
CA VAL A 185 -0.17 -12.18 -8.05
C VAL A 185 1.33 -12.37 -7.85
N ASP A 186 2.05 -12.52 -8.96
CA ASP A 186 3.49 -12.71 -8.92
C ASP A 186 4.09 -11.31 -9.01
N PRO A 187 4.87 -10.90 -7.99
CA PRO A 187 5.41 -9.53 -7.94
C PRO A 187 6.64 -9.28 -8.78
N ALA A 188 7.17 -10.30 -9.46
CA ALA A 188 8.51 -10.19 -10.07
C ALA A 188 8.61 -9.19 -11.21
N ASP A 189 7.53 -9.04 -11.98
CA ASP A 189 7.58 -8.20 -13.17
C ASP A 189 6.25 -7.54 -13.49
N LEU A 190 5.85 -6.60 -12.65
CA LEU A 190 4.57 -5.94 -12.83
C LEU A 190 4.81 -4.49 -13.14
N GLU A 191 4.00 -3.93 -14.03
CA GLU A 191 4.11 -2.49 -14.29
C GLU A 191 3.59 -1.67 -13.12
N LEU A 192 4.25 -0.55 -12.84
CA LEU A 192 3.75 0.44 -11.90
C LEU A 192 3.69 1.81 -12.58
N ARG A 193 2.55 2.47 -12.47
CA ARG A 193 2.35 3.75 -13.12
C ARG A 193 1.70 4.71 -12.13
N THR A 194 2.31 5.87 -11.97
CA THR A 194 1.76 6.93 -11.13
C THR A 194 1.33 8.15 -11.94
N GLU A 195 0.13 8.64 -11.65
CA GLU A 195 -0.40 9.83 -12.30
C GLU A 195 -0.75 10.89 -11.29
N VAL A 196 -0.52 12.14 -11.67
CA VAL A 196 -0.94 13.29 -10.88
C VAL A 196 -1.82 14.11 -11.84
N ASN A 197 -3.11 14.17 -11.55
CA ASN A 197 -4.10 14.82 -12.42
C ASN A 197 -4.08 14.26 -13.82
N GLY A 198 -3.99 12.93 -13.91
CA GLY A 198 -4.02 12.24 -15.21
C GLY A 198 -2.72 12.28 -16.00
N ALA A 199 -1.69 12.94 -15.49
CA ALA A 199 -0.41 13.02 -16.19
C ALA A 199 0.55 12.02 -15.57
N VAL A 200 1.15 11.17 -16.43
CA VAL A 200 2.04 10.09 -15.98
C VAL A 200 3.39 10.63 -15.50
N LYS A 201 3.77 10.27 -14.27
CA LYS A 201 4.99 10.74 -13.61
C LYS A 201 5.98 9.62 -13.38
N GLN A 202 5.48 8.46 -12.98
CA GLN A 202 6.28 7.26 -12.82
C GLN A 202 5.74 6.22 -13.76
N HIS A 203 6.63 5.46 -14.37
CA HIS A 203 6.23 4.45 -15.33
C HIS A 203 7.35 3.44 -15.43
N ALA A 204 7.24 2.35 -14.67
CA ALA A 204 8.32 1.36 -14.59
C ALA A 204 7.80 -0.01 -14.18
N ARG A 205 8.65 -1.02 -14.24
CA ARG A 205 8.25 -2.38 -13.87
C ARG A 205 9.00 -2.80 -12.61
N THR A 206 8.35 -3.60 -11.76
CA THR A 206 8.95 -4.10 -10.54
C THR A 206 10.16 -5.00 -10.83
N SER A 207 10.35 -5.43 -12.08
CA SER A 207 11.54 -6.20 -12.46
C SER A 207 12.81 -5.35 -12.39
N LEU A 208 12.64 -4.05 -12.22
CA LEU A 208 13.78 -3.13 -12.05
C LEU A 208 14.18 -2.92 -10.58
N MET A 209 13.51 -3.62 -9.66
CA MET A 209 13.90 -3.56 -8.24
C MET A 209 15.29 -4.14 -8.03
N ILE A 210 16.10 -3.42 -7.27
CA ILE A 210 17.45 -3.85 -6.91
C ILE A 210 17.35 -5.07 -5.99
N HIS A 211 16.53 -4.99 -4.95
CA HIS A 211 16.29 -6.12 -4.06
C HIS A 211 14.85 -6.55 -4.26
N ASP A 212 14.65 -7.81 -4.60
CA ASP A 212 13.32 -8.30 -4.92
C ASP A 212 12.53 -8.55 -3.64
N VAL A 213 11.28 -8.99 -3.78
CA VAL A 213 10.42 -9.20 -2.62
C VAL A 213 11.01 -10.14 -1.57
N GLY A 214 11.52 -11.29 -2.01
CA GLY A 214 12.15 -12.23 -1.10
C GLY A 214 13.37 -11.64 -0.38
N ALA A 215 14.23 -10.93 -1.10
CA ALA A 215 15.41 -10.30 -0.46
C ALA A 215 15.00 -9.24 0.58
N ILE A 216 13.93 -8.52 0.28
CA ILE A 216 13.42 -7.50 1.18
C ILE A 216 12.87 -8.16 2.46
N VAL A 217 12.04 -9.18 2.28
CA VAL A 217 11.50 -9.88 3.45
C VAL A 217 12.60 -10.57 4.26
N GLU A 218 13.56 -11.18 3.57
CA GLU A 218 14.70 -11.79 4.25
C GLU A 218 15.43 -10.74 5.10
N TRP A 219 15.75 -9.60 4.47
CA TRP A 219 16.47 -8.53 5.16
C TRP A 219 15.71 -8.01 6.39
N ILE A 220 14.47 -7.59 6.17
CA ILE A 220 13.67 -7.03 7.28
C ILE A 220 13.41 -8.05 8.43
N SER A 221 13.08 -9.30 8.07
CA SER A 221 12.72 -10.29 9.10
C SER A 221 13.95 -10.80 9.88
N ALA A 222 15.14 -10.52 9.36
CA ALA A 222 16.38 -10.74 10.12
C ALA A 222 16.59 -9.64 11.18
N VAL A 223 15.92 -8.51 11.01
CA VAL A 223 15.99 -7.39 11.95
C VAL A 223 14.84 -7.51 12.99
N MET A 224 13.62 -7.63 12.49
CA MET A 224 12.48 -7.54 13.36
C MET A 224 11.39 -8.56 13.00
N THR A 225 10.69 -9.04 14.02
CA THR A 225 9.52 -9.86 13.82
C THR A 225 8.48 -9.11 12.99
N LEU A 226 7.92 -9.84 12.01
CA LEU A 226 6.89 -9.31 11.16
C LEU A 226 5.59 -9.99 11.55
N LEU A 227 4.52 -9.22 11.65
CA LEU A 227 3.24 -9.73 12.15
C LEU A 227 2.20 -9.77 11.05
N PRO A 228 1.18 -10.67 11.16
CA PRO A 228 0.11 -10.68 10.15
C PRO A 228 -0.51 -9.28 9.99
N GLY A 229 -0.56 -8.79 8.76
CA GLY A 229 -1.06 -7.46 8.50
C GLY A 229 0.01 -6.40 8.35
N ASP A 230 1.25 -6.67 8.80
CA ASP A 230 2.34 -5.73 8.57
C ASP A 230 2.52 -5.40 7.10
N LEU A 231 2.79 -4.14 6.80
CA LEU A 231 3.01 -3.69 5.46
C LEU A 231 4.46 -3.44 5.22
N ILE A 232 4.94 -3.82 4.03
CA ILE A 232 6.27 -3.48 3.60
C ILE A 232 6.18 -2.72 2.27
N LEU A 233 6.65 -1.46 2.27
CA LEU A 233 6.75 -0.68 1.03
C LEU A 233 8.12 -0.90 0.40
N THR A 234 8.14 -1.34 -0.85
CA THR A 234 9.34 -1.89 -1.46
C THR A 234 10.19 -0.91 -2.29
N GLY A 235 9.87 0.38 -2.19
CA GLY A 235 10.67 1.43 -2.85
C GLY A 235 9.92 1.98 -4.05
N THR A 236 10.36 3.12 -4.54
CA THR A 236 9.68 3.79 -5.63
C THR A 236 10.63 3.95 -6.83
N PRO A 237 10.09 3.81 -8.07
CA PRO A 237 10.88 4.10 -9.27
C PRO A 237 11.17 5.58 -9.51
N ALA A 238 11.91 5.84 -10.60
CA ALA A 238 12.18 7.21 -11.04
C ALA A 238 10.85 7.99 -11.25
N GLY A 239 10.92 9.31 -11.15
CA GLY A 239 9.80 10.18 -11.50
C GLY A 239 9.03 10.73 -10.32
N VAL A 240 9.59 10.58 -9.11
CA VAL A 240 8.98 11.20 -7.92
C VAL A 240 8.79 12.69 -8.16
N GLY A 241 7.75 13.27 -7.58
CA GLY A 241 7.48 14.70 -7.73
C GLY A 241 6.47 15.27 -6.74
N PRO A 242 6.28 16.60 -6.77
CA PRO A 242 5.49 17.31 -5.76
C PRO A 242 3.99 17.11 -5.90
N ILE A 243 3.30 17.15 -4.78
CA ILE A 243 1.84 17.21 -4.77
C ILE A 243 1.42 18.48 -4.02
N GLU A 244 0.29 19.04 -4.42
CA GLU A 244 -0.19 20.30 -3.87
C GLU A 244 -1.67 20.20 -3.64
N ASP A 245 -2.22 21.17 -2.92
CA ASP A 245 -3.66 21.31 -2.74
C ASP A 245 -4.40 21.22 -4.07
N GLY A 246 -5.43 20.38 -4.11
CA GLY A 246 -6.23 20.22 -5.33
C GLY A 246 -5.83 19.07 -6.23
N ASP A 247 -4.66 18.49 -6.02
CA ASP A 247 -4.17 17.40 -6.88
C ASP A 247 -4.88 16.10 -6.56
N THR A 248 -4.89 15.18 -7.52
CA THR A 248 -5.23 13.79 -7.29
C THR A 248 -4.09 12.92 -7.79
N VAL A 249 -3.68 11.97 -6.95
CA VAL A 249 -2.61 11.05 -7.32
C VAL A 249 -3.14 9.63 -7.39
N SER A 250 -2.88 8.98 -8.52
CA SER A 250 -3.31 7.61 -8.76
C SER A 250 -2.12 6.76 -9.10
N ILE A 251 -1.95 5.68 -8.35
CA ILE A 251 -0.89 4.72 -8.61
C ILE A 251 -1.58 3.43 -9.04
N THR A 252 -1.17 2.92 -10.21
CA THR A 252 -1.71 1.67 -10.73
C THR A 252 -0.59 0.64 -10.80
N ILE A 253 -0.86 -0.54 -10.24
CA ILE A 253 0.02 -1.66 -10.43
C ILE A 253 -0.71 -2.78 -11.14
N GLU A 254 -0.09 -3.25 -12.23
CA GLU A 254 -0.59 -4.38 -13.01
C GLU A 254 -0.90 -5.61 -12.12
N GLY A 255 -2.06 -6.21 -12.33
CA GLY A 255 -2.50 -7.35 -11.56
C GLY A 255 -3.09 -6.99 -10.21
N ILE A 256 -3.10 -5.70 -9.87
CA ILE A 256 -3.61 -5.27 -8.56
C ILE A 256 -4.79 -4.32 -8.74
N GLY A 257 -4.50 -3.12 -9.26
CA GLY A 257 -5.52 -2.10 -9.43
C GLY A 257 -4.92 -0.74 -9.30
N THR A 258 -5.72 0.20 -8.83
CA THR A 258 -5.34 1.58 -8.77
C THR A 258 -5.67 2.13 -7.39
N LEU A 259 -4.66 2.73 -6.76
CA LEU A 259 -4.84 3.48 -5.53
C LEU A 259 -4.88 4.97 -5.86
N THR A 260 -6.00 5.62 -5.51
CA THR A 260 -6.23 7.03 -5.82
C THR A 260 -6.54 7.84 -4.58
N ASN A 261 -5.87 8.98 -4.43
CA ASN A 261 -6.11 9.88 -3.30
C ASN A 261 -6.07 11.33 -3.70
N PRO A 262 -7.07 12.11 -3.20
CA PRO A 262 -6.97 13.54 -3.38
C PRO A 262 -5.91 14.13 -2.43
N VAL A 263 -5.56 15.40 -2.65
CA VAL A 263 -4.56 16.08 -1.84
C VAL A 263 -5.17 17.40 -1.38
N VAL A 264 -4.99 17.74 -0.10
CA VAL A 264 -5.37 19.07 0.40
C VAL A 264 -4.22 19.60 1.23
N ARG A 265 -4.00 20.91 1.17
CA ARG A 265 -3.03 21.51 2.07
C ARG A 265 -3.75 22.15 3.25
N LYS A 266 -3.29 21.82 4.45
CA LYS A 266 -3.82 22.42 5.69
C LYS A 266 -3.65 23.93 5.67
N GLY A 267 -4.64 24.64 6.23
CA GLY A 267 -4.62 26.11 6.29
C GLY A 267 -5.27 26.83 5.12
N LYS A 268 -5.83 26.08 4.16
CA LYS A 268 -6.37 26.71 2.93
C LYS A 268 -7.77 27.28 3.06
ZN ZN B . 9.57 5.07 -0.48
ZN ZN C . 2.46 1.35 -19.26
C1 EDO D . 12.23 6.15 0.02
O1 EDO D . 11.64 5.25 -0.94
C2 EDO D . 13.21 7.16 -0.59
O2 EDO D . 13.01 8.47 -0.01
C1 EDO E . -10.00 1.50 -7.94
O1 EDO E . -10.36 1.18 -6.59
C2 EDO E . -9.97 0.20 -8.73
O2 EDO E . -8.64 -0.34 -8.87
C1 EDO F . 15.12 -12.04 14.99
O1 EDO F . 15.41 -12.00 13.60
C2 EDO F . 14.43 -10.72 15.27
O2 EDO F . 15.37 -9.84 15.88
#